data_4R8H
#
_entry.id   4R8H
#
_cell.length_a   45.730
_cell.length_b   102.260
_cell.length_c   54.300
_cell.angle_alpha   90.00
_cell.angle_beta   111.55
_cell.angle_gamma   90.00
#
_symmetry.space_group_name_H-M   'P 1 21 1'
#
loop_
_entity.id
_entity.type
_entity.pdbx_description
1 polymer 'cAMP-activated global transcriptional regulator CRP'
2 non-polymer 6-(6-AMINO-PURIN-9-YL)-2-THIOXO-TETRAHYDRO-2-FURO[3,2-D][1,3,2]DIOXAPHOSPHININE-2,7-DIOL
3 non-polymer GLYCEROL
4 water water
#
_entity_poly.entity_id   1
_entity_poly.type   'polypeptide(L)'
_entity_poly.pdbx_seq_one_letter_code
;MRGSHHHHHHGSMVLGKPQTDPTLEWFLSHCHIHKYPSKSTLIHQGEKAETLYYIVKGSVAVLIKDEEGKEMILSYLNQG
DFIGELGLFEEGQERSAWVRAKTACEVAEISYKKFRQLIQVNPDILMRLSAQMARRLQVTSEKVGNLAFLDVTGRIAQTL
LNLAKQPDAMTHPDGMQIKITRQEIGQIVGCSRETVGRILKMLEDQNLISAHGKTIVVYGTR
;
_entity_poly.pdbx_strand_id   A,B
#
# COMPACT_ATOMS: atom_id res chain seq x y z
N ASP A 21 -6.37 -9.19 26.90
CA ASP A 21 -7.23 -9.36 25.70
C ASP A 21 -7.34 -10.84 25.36
N PRO A 22 -8.52 -11.42 25.64
CA PRO A 22 -8.75 -12.85 25.56
C PRO A 22 -8.57 -13.42 24.15
N THR A 23 -8.97 -12.67 23.14
CA THR A 23 -8.90 -13.16 21.77
C THR A 23 -7.42 -13.29 21.37
N LEU A 24 -6.64 -12.24 21.63
CA LEU A 24 -5.20 -12.33 21.37
C LEU A 24 -4.52 -13.39 22.22
N GLU A 25 -4.90 -13.54 23.50
CA GLU A 25 -4.37 -14.61 24.33
C GLU A 25 -4.63 -16.01 23.76
N TRP A 26 -5.84 -16.24 23.29
CA TRP A 26 -6.20 -17.48 22.65
C TRP A 26 -5.35 -17.71 21.38
N PHE A 27 -5.29 -16.69 20.52
CA PHE A 27 -4.47 -16.80 19.33
C PHE A 27 -3.03 -17.16 19.72
N LEU A 28 -2.43 -16.40 20.64
CA LEU A 28 -1.03 -16.63 20.96
C LEU A 28 -0.78 -18.02 21.56
N SER A 29 -1.81 -18.62 22.15
CA SER A 29 -1.61 -19.96 22.72
C SER A 29 -1.37 -21.01 21.62
N HIS A 30 -1.71 -20.68 20.38
CA HIS A 30 -1.61 -21.61 19.28
C HIS A 30 -0.33 -21.37 18.47
N CYS A 31 0.42 -20.36 18.89
CA CYS A 31 1.65 -19.93 18.22
C CYS A 31 2.83 -20.53 18.91
N HIS A 32 3.98 -20.50 18.26
CA HIS A 32 5.24 -20.75 18.93
C HIS A 32 6.08 -19.50 18.89
N ILE A 33 6.68 -19.13 20.00
CA ILE A 33 7.22 -17.80 20.12
C ILE A 33 8.74 -17.84 20.17
N HIS A 34 9.39 -16.86 19.55
CA HIS A 34 10.84 -16.90 19.33
C HIS A 34 11.45 -15.53 19.48
N LYS A 35 12.70 -15.49 19.93
CA LYS A 35 13.39 -14.23 20.15
C LYS A 35 14.31 -13.96 18.99
N TYR A 36 14.27 -12.74 18.44
CA TYR A 36 15.15 -12.32 17.36
C TYR A 36 16.01 -11.18 17.94
N PRO A 37 17.34 -11.29 17.81
CA PRO A 37 18.15 -10.15 18.28
C PRO A 37 18.06 -8.96 17.34
N SER A 38 18.37 -7.80 17.87
CA SER A 38 18.40 -6.57 17.12
C SER A 38 19.19 -6.72 15.81
N LYS A 39 18.62 -6.22 14.72
CA LYS A 39 19.27 -6.27 13.42
C LYS A 39 19.15 -7.60 12.68
N SER A 40 18.52 -8.61 13.25
CA SER A 40 18.33 -9.85 12.51
C SER A 40 17.18 -9.67 11.49
N THR A 41 17.16 -10.51 10.46
CA THR A 41 16.09 -10.47 9.48
C THR A 41 15.05 -11.53 9.80
N LEU A 42 13.78 -11.10 9.98
CA LEU A 42 12.70 -12.01 10.25
C LEU A 42 12.24 -12.65 8.94
N ILE A 43 12.09 -11.79 7.93
CA ILE A 43 11.54 -12.18 6.65
C ILE A 43 12.44 -11.64 5.55
N HIS A 44 12.78 -12.53 4.62
CA HIS A 44 13.53 -12.15 3.38
C HIS A 44 12.63 -12.08 2.17
N GLN A 45 12.78 -11.00 1.39
CA GLN A 45 12.01 -10.90 0.15
C GLN A 45 12.33 -12.11 -0.68
N GLY A 46 11.30 -12.69 -1.28
CA GLY A 46 11.47 -13.81 -2.21
C GLY A 46 11.24 -15.17 -1.57
N GLU A 47 11.29 -15.27 -0.24
CA GLU A 47 10.94 -16.53 0.45
C GLU A 47 9.51 -16.96 0.18
N LYS A 48 9.24 -18.28 0.18
CA LYS A 48 7.89 -18.73 0.01
C LYS A 48 7.15 -18.60 1.29
N ALA A 49 6.02 -17.90 1.20
CA ALA A 49 5.22 -17.58 2.40
C ALA A 49 4.31 -18.73 2.82
N GLU A 50 4.49 -19.22 4.06
CA GLU A 50 3.59 -20.23 4.59
C GLU A 50 3.23 -20.00 6.05
N THR A 51 3.78 -18.92 6.62
CA THR A 51 3.49 -18.63 8.00
CA THR A 51 3.80 -18.60 8.08
C THR A 51 3.30 -17.17 8.28
N LEU A 52 2.58 -16.95 9.39
CA LEU A 52 2.21 -15.64 9.90
C LEU A 52 2.96 -15.35 11.18
N TYR A 53 3.33 -14.08 11.38
CA TYR A 53 4.07 -13.65 12.59
C TYR A 53 3.25 -12.60 13.29
N TYR A 54 3.55 -12.42 14.57
CA TYR A 54 2.89 -11.38 15.37
C TYR A 54 3.88 -10.90 16.42
N ILE A 55 4.12 -9.59 16.46
CA ILE A 55 5.15 -9.04 17.35
C ILE A 55 4.62 -8.97 18.77
N VAL A 56 5.16 -9.81 19.66
CA VAL A 56 4.83 -9.72 21.10
C VAL A 56 5.57 -8.61 21.80
N LYS A 57 6.78 -8.36 21.37
CA LYS A 57 7.62 -7.27 21.95
C LYS A 57 8.62 -6.86 20.90
N GLY A 58 8.89 -5.57 20.82
CA GLY A 58 9.92 -5.07 19.94
C GLY A 58 9.34 -4.36 18.71
N SER A 59 10.25 -3.90 17.87
CA SER A 59 9.86 -3.22 16.66
CA SER A 59 9.98 -3.04 16.70
C SER A 59 10.73 -3.61 15.49
N VAL A 60 10.11 -3.51 14.30
CA VAL A 60 10.73 -3.92 13.06
C VAL A 60 10.58 -2.88 12.00
N ALA A 61 11.43 -2.98 10.96
CA ALA A 61 11.27 -2.18 9.75
C ALA A 61 10.98 -3.07 8.59
N VAL A 62 10.02 -2.63 7.78
CA VAL A 62 9.69 -3.29 6.52
C VAL A 62 10.34 -2.49 5.43
N LEU A 63 11.12 -3.17 4.61
CA LEU A 63 11.81 -2.47 3.56
C LEU A 63 11.86 -3.15 2.21
N ILE A 64 12.10 -2.32 1.20
CA ILE A 64 12.30 -2.76 -0.17
C ILE A 64 13.56 -2.14 -0.74
N LYS A 65 14.10 -2.71 -1.81
CA LYS A 65 15.39 -2.26 -2.35
C LYS A 65 15.35 -2.02 -3.84
N ASP A 66 16.26 -1.21 -4.36
CA ASP A 66 16.29 -1.09 -5.81
C ASP A 66 17.37 -1.98 -6.42
N GLU A 67 17.53 -1.88 -7.75
CA GLU A 67 18.60 -2.56 -8.49
C GLU A 67 20.01 -2.42 -7.91
N GLU A 68 20.29 -1.32 -7.21
CA GLU A 68 21.62 -1.08 -6.64
C GLU A 68 21.70 -1.34 -5.13
N GLY A 69 20.62 -1.84 -4.55
CA GLY A 69 20.57 -2.02 -3.09
C GLY A 69 20.32 -0.79 -2.21
N LYS A 70 19.95 0.33 -2.81
CA LYS A 70 19.31 1.41 -2.04
C LYS A 70 18.04 0.87 -1.34
N GLU A 71 17.79 1.32 -0.11
CA GLU A 71 16.65 0.79 0.72
C GLU A 71 15.61 1.87 0.90
N MET A 72 14.35 1.49 0.86
CA MET A 72 13.24 2.40 1.18
C MET A 72 12.42 1.72 2.26
N ILE A 73 12.25 2.36 3.42
CA ILE A 73 11.42 1.83 4.47
C ILE A 73 9.95 2.08 4.13
N LEU A 74 9.15 1.01 4.07
CA LEU A 74 7.71 1.09 3.85
C LEU A 74 7.00 1.38 5.16
N SER A 75 7.53 0.86 6.26
CA SER A 75 6.77 0.95 7.50
C SER A 75 7.69 0.62 8.65
N TYR A 76 7.36 1.13 9.82
CA TYR A 76 7.81 0.50 11.07
C TYR A 76 6.62 -0.24 11.65
N LEU A 77 6.83 -1.41 12.23
CA LEU A 77 5.74 -2.07 12.94
C LEU A 77 6.24 -2.41 14.34
N ASN A 78 5.31 -2.62 15.24
CA ASN A 78 5.67 -2.65 16.68
C ASN A 78 4.83 -3.68 17.38
N GLN A 79 4.92 -3.72 18.70
CA GLN A 79 4.19 -4.70 19.46
C GLN A 79 2.69 -4.65 19.12
N GLY A 80 2.12 -5.83 18.91
CA GLY A 80 0.73 -5.91 18.55
C GLY A 80 0.51 -6.02 17.04
N ASP A 81 1.55 -5.83 16.25
CA ASP A 81 1.38 -5.91 14.76
C ASP A 81 1.60 -7.32 14.23
N PHE A 82 0.73 -7.74 13.32
CA PHE A 82 1.00 -8.93 12.50
C PHE A 82 2.02 -8.60 11.46
N ILE A 83 2.79 -9.63 11.05
CA ILE A 83 3.73 -9.50 9.95
C ILE A 83 3.65 -10.74 9.13
N GLY A 84 3.96 -10.64 7.85
CA GLY A 84 3.90 -11.86 7.04
C GLY A 84 2.52 -12.31 6.70
N GLU A 85 1.57 -11.37 6.73
CA GLU A 85 0.14 -11.68 6.61
C GLU A 85 -0.30 -11.71 5.20
N LEU A 86 0.41 -11.03 4.31
CA LEU A 86 -0.13 -10.80 2.97
C LEU A 86 -0.11 -12.10 2.15
N GLY A 87 0.79 -13.03 2.49
CA GLY A 87 0.79 -14.38 1.93
C GLY A 87 -0.33 -15.34 2.27
N LEU A 88 -1.08 -15.11 3.35
CA LEU A 88 -2.11 -15.98 3.85
C LEU A 88 -3.20 -16.25 2.77
N PHE A 89 -3.34 -15.30 1.86
CA PHE A 89 -4.49 -15.27 0.99
C PHE A 89 -4.25 -15.90 -0.36
N GLU A 90 -2.99 -16.06 -0.73
CA GLU A 90 -2.69 -16.67 -2.03
C GLU A 90 -1.79 -17.86 -1.79
N GLU A 91 -2.22 -19.04 -2.24
CA GLU A 91 -1.35 -20.22 -2.32
C GLU A 91 -0.01 -19.90 -3.00
N GLY A 92 1.06 -20.21 -2.29
CA GLY A 92 2.41 -20.25 -2.85
C GLY A 92 2.95 -18.91 -3.31
N GLN A 93 2.88 -17.87 -2.49
CA GLN A 93 3.46 -16.64 -2.97
C GLN A 93 4.74 -16.27 -2.23
N GLU A 94 5.51 -15.39 -2.85
CA GLU A 94 6.79 -14.94 -2.34
C GLU A 94 6.59 -13.73 -1.41
N ARG A 95 7.35 -13.68 -0.34
CA ARG A 95 7.39 -12.47 0.52
C ARG A 95 7.78 -11.26 -0.35
N SER A 96 7.07 -10.13 -0.14
CA SER A 96 7.15 -8.98 -1.00
C SER A 96 8.21 -7.97 -0.55
N ALA A 97 8.75 -8.15 0.66
CA ALA A 97 9.61 -7.18 1.33
C ALA A 97 10.39 -7.85 2.42
N TRP A 98 11.50 -7.23 2.79
CA TRP A 98 12.29 -7.68 3.97
C TRP A 98 11.70 -7.09 5.23
N VAL A 99 11.75 -7.84 6.31
CA VAL A 99 11.42 -7.33 7.64
C VAL A 99 12.61 -7.55 8.58
N ARG A 100 13.13 -6.45 9.12
CA ARG A 100 14.37 -6.48 9.95
C ARG A 100 14.04 -5.99 11.33
N ALA A 101 14.59 -6.65 12.33
CA ALA A 101 14.36 -6.22 13.73
C ALA A 101 15.13 -4.94 14.00
N LYS A 102 14.49 -3.92 14.57
CA LYS A 102 15.16 -2.65 14.90
C LYS A 102 15.66 -2.71 16.34
N THR A 103 14.99 -3.54 17.12
CA THR A 103 15.37 -3.82 18.51
C THR A 103 15.33 -5.34 18.69
N ALA A 104 15.86 -5.85 19.82
CA ALA A 104 15.45 -7.17 20.25
C ALA A 104 13.92 -7.34 20.13
N CYS A 105 13.50 -8.48 19.56
CA CYS A 105 12.06 -8.76 19.35
C CYS A 105 11.68 -10.13 19.89
N GLU A 106 10.46 -10.26 20.38
CA GLU A 106 9.87 -11.53 20.67
C GLU A 106 8.74 -11.62 19.64
N VAL A 107 8.68 -12.74 18.92
CA VAL A 107 7.76 -12.80 17.75
C VAL A 107 7.07 -14.13 17.88
N ALA A 108 5.75 -14.15 17.79
CA ALA A 108 4.97 -15.38 17.69
C ALA A 108 4.81 -15.79 16.23
N GLU A 109 4.83 -17.10 15.97
CA GLU A 109 4.75 -17.62 14.61
C GLU A 109 3.67 -18.71 14.59
N ILE A 110 2.93 -18.80 13.48
CA ILE A 110 1.93 -19.81 13.28
C ILE A 110 1.83 -20.13 11.80
N SER A 111 1.64 -21.40 11.43
CA SER A 111 1.44 -21.69 10.00
C SER A 111 0.13 -21.09 9.48
N TYR A 112 0.09 -20.76 8.23
CA TYR A 112 -1.19 -20.37 7.65
C TYR A 112 -2.24 -21.41 7.79
N LYS A 113 -1.89 -22.70 7.66
CA LYS A 113 -2.88 -23.75 7.73
C LYS A 113 -3.55 -23.73 9.10
N LYS A 114 -2.78 -23.62 10.17
CA LYS A 114 -3.37 -23.52 11.54
C LYS A 114 -4.13 -22.21 11.75
N PHE A 115 -3.60 -21.11 11.25
CA PHE A 115 -4.32 -19.85 11.41
C PHE A 115 -5.65 -19.88 10.69
N ARG A 116 -5.75 -20.49 9.52
CA ARG A 116 -7.06 -20.63 8.88
C ARG A 116 -8.09 -21.41 9.72
N GLN A 117 -7.63 -22.41 10.47
CA GLN A 117 -8.55 -23.10 11.37
C GLN A 117 -8.99 -22.17 12.49
N LEU A 118 -8.08 -21.34 12.99
CA LEU A 118 -8.51 -20.39 14.04
C LEU A 118 -9.57 -19.44 13.48
N ILE A 119 -9.39 -18.99 12.25
CA ILE A 119 -10.38 -18.09 11.63
C ILE A 119 -11.75 -18.71 11.61
N GLN A 120 -11.83 -19.98 11.25
CA GLN A 120 -13.14 -20.68 11.28
C GLN A 120 -13.74 -20.72 12.64
N VAL A 121 -12.94 -20.95 13.67
CA VAL A 121 -13.46 -20.99 15.01
C VAL A 121 -13.91 -19.59 15.44
N ASN A 122 -13.07 -18.57 15.21
CA ASN A 122 -13.42 -17.24 15.59
C ASN A 122 -12.90 -16.23 14.60
N PRO A 123 -13.74 -15.76 13.71
CA PRO A 123 -13.36 -14.84 12.65
C PRO A 123 -12.93 -13.50 13.16
N ASP A 124 -13.09 -13.20 14.45
CA ASP A 124 -12.56 -11.96 15.01
CA ASP A 124 -12.57 -11.94 14.95
C ASP A 124 -11.04 -11.88 14.83
N ILE A 125 -10.37 -13.03 14.79
CA ILE A 125 -8.89 -12.93 14.69
C ILE A 125 -8.52 -12.51 13.24
N LEU A 126 -9.34 -12.88 12.24
CA LEU A 126 -9.11 -12.36 10.88
C LEU A 126 -9.46 -10.87 10.86
N MET A 127 -10.55 -10.48 11.55
CA MET A 127 -10.86 -9.05 11.58
C MET A 127 -9.71 -8.21 12.12
N ARG A 128 -9.04 -8.70 13.17
CA ARG A 128 -7.96 -7.95 13.75
C ARG A 128 -6.81 -7.80 12.74
N LEU A 129 -6.46 -8.90 12.08
CA LEU A 129 -5.41 -8.89 11.05
CA LEU A 129 -5.43 -8.91 11.02
C LEU A 129 -5.78 -7.94 9.90
N SER A 130 -7.02 -8.08 9.40
CA SER A 130 -7.47 -7.30 8.24
C SER A 130 -7.55 -5.82 8.59
N ALA A 131 -7.87 -5.49 9.85
CA ALA A 131 -7.83 -4.07 10.26
C ALA A 131 -6.45 -3.43 10.08
N GLN A 132 -5.40 -4.22 10.39
CA GLN A 132 -4.09 -3.71 10.24
C GLN A 132 -3.68 -3.62 8.79
N MET A 133 -4.11 -4.60 7.97
CA MET A 133 -3.89 -4.51 6.52
C MET A 133 -4.52 -3.23 5.94
N ALA A 134 -5.73 -2.93 6.40
CA ALA A 134 -6.44 -1.77 5.81
C ALA A 134 -5.67 -0.51 6.22
N ARG A 135 -5.22 -0.41 7.47
CA ARG A 135 -4.51 0.74 7.92
C ARG A 135 -3.20 0.91 7.13
N ARG A 136 -2.53 -0.23 6.90
CA ARG A 136 -1.29 -0.16 6.14
C ARG A 136 -1.54 0.27 4.70
N LEU A 137 -2.67 -0.13 4.11
CA LEU A 137 -2.91 0.36 2.75
C LEU A 137 -3.12 1.87 2.75
N GLN A 138 -3.84 2.39 3.75
CA GLN A 138 -4.02 3.84 3.80
C GLN A 138 -2.70 4.54 4.00
N VAL A 139 -1.89 4.05 4.92
CA VAL A 139 -0.62 4.72 5.23
C VAL A 139 0.28 4.73 3.96
N THR A 140 0.36 3.57 3.29
CA THR A 140 1.22 3.42 2.14
C THR A 140 0.72 4.26 0.98
N SER A 141 -0.60 4.42 0.87
CA SER A 141 -1.18 5.29 -0.16
C SER A 141 -0.80 6.74 0.12
N GLU A 142 -0.80 7.13 1.39
CA GLU A 142 -0.35 8.50 1.75
C GLU A 142 1.10 8.67 1.38
N LYS A 143 1.93 7.63 1.55
CA LYS A 143 3.33 7.72 1.15
CA LYS A 143 3.33 7.76 1.15
C LYS A 143 3.48 7.95 -0.34
N VAL A 144 2.67 7.20 -1.16
CA VAL A 144 2.63 7.44 -2.59
C VAL A 144 2.32 8.90 -2.88
N GLY A 145 1.29 9.44 -2.25
CA GLY A 145 0.99 10.86 -2.44
C GLY A 145 2.20 11.72 -2.10
N ASN A 146 2.83 11.47 -0.95
CA ASN A 146 3.99 12.31 -0.55
C ASN A 146 5.12 12.24 -1.58
N LEU A 147 5.39 11.04 -2.10
CA LEU A 147 6.47 10.92 -3.08
C LEU A 147 6.14 11.56 -4.38
N ALA A 148 4.87 11.49 -4.80
CA ALA A 148 4.40 12.04 -6.06
C ALA A 148 4.37 13.57 -5.94
N PHE A 149 3.92 14.12 -4.81
CA PHE A 149 3.41 15.51 -4.82
C PHE A 149 4.31 16.45 -4.01
N LEU A 150 5.11 15.94 -3.08
CA LEU A 150 5.93 16.82 -2.22
C LEU A 150 7.36 16.77 -2.70
N ASP A 151 8.04 17.91 -2.65
CA ASP A 151 9.47 17.87 -2.82
C ASP A 151 10.17 17.27 -1.60
N VAL A 152 11.45 16.98 -1.78
CA VAL A 152 12.25 16.33 -0.75
C VAL A 152 12.34 17.11 0.56
N THR A 153 12.35 18.45 0.47
CA THR A 153 12.29 19.25 1.69
C THR A 153 11.02 19.03 2.47
N GLY A 154 9.87 19.04 1.76
CA GLY A 154 8.59 18.76 2.39
C GLY A 154 8.46 17.32 2.93
N ARG A 155 9.08 16.40 2.21
CA ARG A 155 9.10 15.04 2.74
C ARG A 155 9.91 14.88 4.02
N ILE A 156 11.06 15.54 4.08
CA ILE A 156 11.86 15.55 5.28
C ILE A 156 11.15 16.25 6.44
N ALA A 157 10.57 17.41 6.16
CA ALA A 157 9.82 18.16 7.20
C ALA A 157 8.62 17.40 7.74
N GLN A 158 7.94 16.68 6.87
CA GLN A 158 6.84 15.82 7.33
C GLN A 158 7.33 14.62 8.15
N THR A 159 8.46 14.07 7.76
CA THR A 159 9.08 12.99 8.53
C THR A 159 9.52 13.40 9.94
N LEU A 160 10.14 14.57 10.05
CA LEU A 160 10.58 15.04 11.35
C LEU A 160 9.36 15.32 12.22
N LEU A 161 8.34 15.90 11.63
CA LEU A 161 7.06 16.13 12.34
C LEU A 161 6.50 14.82 12.89
N ASN A 162 6.45 13.78 12.06
CA ASN A 162 6.01 12.44 12.46
C ASN A 162 6.79 11.77 13.57
N LEU A 163 8.13 11.81 13.47
CA LEU A 163 9.01 11.23 14.48
C LEU A 163 8.86 11.97 15.82
N ALA A 164 8.56 13.27 15.76
CA ALA A 164 8.44 14.05 16.99
C ALA A 164 7.17 13.70 17.77
N LYS A 165 6.12 13.26 17.06
CA LYS A 165 4.89 12.82 17.70
C LYS A 165 4.80 11.30 17.91
N GLN A 166 5.94 10.61 17.79
CA GLN A 166 6.07 9.19 18.14
C GLN A 166 6.30 9.03 19.64
N PRO A 167 5.87 7.89 20.21
CA PRO A 167 5.96 7.62 21.65
C PRO A 167 7.38 7.73 22.20
N ASP A 168 8.36 7.46 21.35
CA ASP A 168 9.76 7.47 21.77
C ASP A 168 10.42 8.87 21.68
N ALA A 169 9.70 9.88 21.19
CA ALA A 169 10.26 11.24 21.18
C ALA A 169 10.34 11.80 22.60
N MET A 170 11.42 12.51 22.90
CA MET A 170 11.65 13.06 24.24
C MET A 170 11.31 14.56 24.27
N THR A 171 10.46 14.96 25.20
CA THR A 171 10.12 16.39 25.36
C THR A 171 11.38 17.26 25.56
N HIS A 172 11.33 18.48 25.01
CA HIS A 172 12.44 19.42 25.04
C HIS A 172 11.84 20.79 25.33
N PRO A 173 12.63 21.70 25.94
CA PRO A 173 12.14 23.07 26.17
C PRO A 173 11.47 23.71 24.93
N ASP A 174 12.02 23.47 23.74
CA ASP A 174 11.58 24.17 22.51
C ASP A 174 10.77 23.32 21.49
N GLY A 175 10.55 22.04 21.79
CA GLY A 175 9.72 21.19 20.94
C GLY A 175 9.84 19.74 21.39
N MET A 176 10.13 18.83 20.45
CA MET A 176 10.48 17.46 20.83
C MET A 176 11.84 17.06 20.28
N GLN A 177 12.57 16.25 21.06
CA GLN A 177 13.86 15.71 20.66
C GLN A 177 13.70 14.27 20.13
N ILE A 178 14.25 14.03 18.95
CA ILE A 178 14.22 12.73 18.30
C ILE A 178 15.64 12.29 17.97
N LYS A 179 15.81 10.99 17.78
CA LYS A 179 17.12 10.41 17.49
C LYS A 179 16.98 9.60 16.21
N ILE A 180 17.58 10.11 15.14
CA ILE A 180 17.53 9.43 13.85
C ILE A 180 18.73 9.81 13.02
N THR A 181 19.32 8.85 12.32
CA THR A 181 20.46 9.16 11.46
C THR A 181 20.05 9.77 10.14
N ARG A 182 20.97 10.45 9.47
CA ARG A 182 20.67 10.99 8.17
C ARG A 182 20.40 9.82 7.22
N GLN A 183 21.12 8.73 7.42
CA GLN A 183 20.90 7.58 6.55
C GLN A 183 19.46 7.07 6.66
N GLU A 184 18.97 6.96 7.89
CA GLU A 184 17.61 6.50 8.14
C GLU A 184 16.56 7.47 7.59
N ILE A 185 16.79 8.79 7.72
CA ILE A 185 15.90 9.71 7.08
C ILE A 185 15.85 9.44 5.58
N GLY A 186 17.02 9.29 4.93
CA GLY A 186 17.05 9.11 3.50
C GLY A 186 16.32 7.84 2.99
N GLN A 187 16.31 6.86 3.87
CA GLN A 187 15.58 5.62 3.62
C GLN A 187 14.09 5.75 3.80
N ILE A 188 13.64 6.77 4.52
CA ILE A 188 12.22 7.03 4.66
C ILE A 188 11.71 7.90 3.52
N VAL A 189 12.46 8.93 3.14
CA VAL A 189 11.95 9.88 2.20
C VAL A 189 12.37 9.60 0.75
N GLY A 190 13.39 8.75 0.59
CA GLY A 190 13.89 8.46 -0.77
C GLY A 190 14.91 9.44 -1.30
N CYS A 191 15.98 9.61 -0.55
CA CYS A 191 17.10 10.48 -0.98
C CYS A 191 18.41 10.06 -0.32
N SER A 192 19.51 10.61 -0.82
CA SER A 192 20.81 10.26 -0.28
C SER A 192 21.07 10.93 1.09
N ARG A 193 22.02 10.39 1.85
CA ARG A 193 22.38 11.00 3.14
C ARG A 193 22.95 12.41 2.98
N GLU A 194 23.56 12.69 1.83
CA GLU A 194 24.08 14.03 1.51
C GLU A 194 22.96 15.06 1.31
N THR A 195 21.91 14.63 0.61
CA THR A 195 20.73 15.43 0.43
C THR A 195 20.02 15.67 1.75
N VAL A 196 19.96 14.65 2.61
CA VAL A 196 19.41 14.87 3.95
C VAL A 196 20.22 15.97 4.68
N GLY A 197 21.53 15.81 4.73
CA GLY A 197 22.36 16.84 5.41
C GLY A 197 22.08 18.23 4.88
N ARG A 198 21.98 18.40 3.57
CA ARG A 198 21.75 19.72 3.02
C ARG A 198 20.40 20.30 3.41
N ILE A 199 19.37 19.46 3.44
CA ILE A 199 18.08 19.94 3.81
C ILE A 199 17.98 20.22 5.30
N LEU A 200 18.53 19.36 6.15
CA LEU A 200 18.56 19.62 7.59
C LEU A 200 19.23 20.97 7.91
N LYS A 201 20.30 21.29 7.20
CA LYS A 201 21.02 22.58 7.44
C LYS A 201 20.12 23.73 7.09
N MET A 202 19.40 23.60 5.99
CA MET A 202 18.43 24.60 5.59
C MET A 202 17.35 24.78 6.66
N LEU A 203 16.86 23.67 7.22
CA LEU A 203 15.81 23.80 8.23
C LEU A 203 16.37 24.43 9.52
N GLU A 204 17.63 24.13 9.82
CA GLU A 204 18.31 24.79 10.96
C GLU A 204 18.42 26.27 10.65
N ASP A 205 18.80 26.60 9.44
CA ASP A 205 19.03 28.02 9.09
C ASP A 205 17.72 28.80 9.20
N GLN A 206 16.60 28.14 8.91
CA GLN A 206 15.28 28.72 9.01
C GLN A 206 14.74 28.78 10.43
N ASN A 207 15.53 28.37 11.41
CA ASN A 207 15.11 28.27 12.78
C ASN A 207 13.87 27.40 13.02
N LEU A 208 13.89 26.20 12.43
CA LEU A 208 12.71 25.31 12.49
C LEU A 208 13.09 24.06 13.27
N ILE A 209 14.38 23.77 13.28
CA ILE A 209 14.94 22.68 14.05
C ILE A 209 16.32 23.02 14.56
N SER A 210 16.81 22.24 15.52
CA SER A 210 18.21 22.21 15.84
C SER A 210 18.71 20.79 15.56
N ALA A 211 19.99 20.68 15.20
CA ALA A 211 20.60 19.40 14.89
C ALA A 211 21.99 19.26 15.54
N HIS A 212 22.18 18.19 16.31
CA HIS A 212 23.45 17.90 16.96
C HIS A 212 23.68 16.38 17.03
N GLY A 213 24.58 15.87 16.19
CA GLY A 213 24.83 14.43 16.11
C GLY A 213 23.66 13.69 15.50
N LYS A 214 23.17 12.67 16.20
CA LYS A 214 21.98 11.93 15.77
C LYS A 214 20.70 12.52 16.37
N THR A 215 20.86 13.62 17.11
CA THR A 215 19.77 14.28 17.81
C THR A 215 19.21 15.46 16.99
N ILE A 216 17.89 15.55 16.90
CA ILE A 216 17.24 16.67 16.24
C ILE A 216 16.15 17.16 17.18
N VAL A 217 16.16 18.46 17.50
CA VAL A 217 15.00 19.10 18.11
C VAL A 217 14.11 19.74 17.07
N VAL A 218 12.87 19.30 17.03
CA VAL A 218 11.85 19.84 16.15
C VAL A 218 11.05 20.88 16.93
N TYR A 219 11.11 22.15 16.50
CA TYR A 219 10.48 23.23 17.27
C TYR A 219 8.97 23.26 17.12
N GLY A 220 8.28 23.60 18.21
CA GLY A 220 6.92 24.14 18.13
C GLY A 220 5.91 23.24 18.80
N ASP B 21 -18.27 -18.33 -5.39
CA ASP B 21 -19.23 -18.76 -6.47
C ASP B 21 -20.71 -18.69 -6.03
N PRO B 22 -21.20 -19.71 -5.30
CA PRO B 22 -22.47 -19.54 -4.57
C PRO B 22 -22.34 -18.72 -3.28
N THR B 23 -21.13 -18.71 -2.70
CA THR B 23 -20.72 -17.69 -1.71
C THR B 23 -21.00 -16.27 -2.22
N LEU B 24 -20.60 -16.01 -3.45
CA LEU B 24 -20.82 -14.68 -4.05
C LEU B 24 -22.30 -14.43 -4.29
N GLU B 25 -23.01 -15.49 -4.69
CA GLU B 25 -24.46 -15.39 -4.90
C GLU B 25 -25.22 -15.06 -3.62
N TRP B 26 -24.81 -15.70 -2.53
CA TRP B 26 -25.41 -15.49 -1.23
C TRP B 26 -25.14 -14.06 -0.73
N PHE B 27 -23.89 -13.62 -0.90
CA PHE B 27 -23.54 -12.27 -0.51
C PHE B 27 -24.37 -11.23 -1.27
N LEU B 28 -24.49 -11.41 -2.58
CA LEU B 28 -25.20 -10.42 -3.42
C LEU B 28 -26.70 -10.32 -3.12
N SER B 29 -27.25 -11.43 -2.63
CA SER B 29 -28.61 -11.42 -2.09
C SER B 29 -28.86 -10.50 -0.88
N HIS B 30 -27.81 -10.12 -0.16
CA HIS B 30 -27.93 -9.14 0.93
C HIS B 30 -27.55 -7.68 0.59
N CYS B 31 -27.37 -7.40 -0.71
CA CYS B 31 -26.91 -6.07 -1.15
C CYS B 31 -28.02 -5.36 -1.92
N HIS B 32 -27.91 -4.04 -2.00
CA HIS B 32 -28.73 -3.24 -2.92
C HIS B 32 -27.85 -2.92 -4.12
N ILE B 33 -28.35 -3.14 -5.33
CA ILE B 33 -27.54 -2.98 -6.53
C ILE B 33 -27.96 -1.72 -7.27
N HIS B 34 -26.98 -0.91 -7.66
CA HIS B 34 -27.29 0.32 -8.40
C HIS B 34 -26.23 0.71 -9.43
N LYS B 35 -26.54 1.71 -10.26
CA LYS B 35 -25.75 2.00 -11.48
C LYS B 35 -25.10 3.38 -11.48
N TYR B 36 -23.86 3.42 -11.96
CA TYR B 36 -23.14 4.67 -12.05
C TYR B 36 -22.75 4.82 -13.52
N PRO B 37 -23.08 5.96 -14.13
CA PRO B 37 -22.51 6.18 -15.47
C PRO B 37 -20.99 6.28 -15.50
N SER B 38 -20.41 6.15 -16.68
CA SER B 38 -19.02 6.47 -16.88
C SER B 38 -18.66 7.86 -16.38
N LYS B 39 -17.51 7.97 -15.71
CA LYS B 39 -16.98 9.22 -15.21
C LYS B 39 -17.58 9.71 -13.88
N SER B 40 -18.59 9.04 -13.40
CA SER B 40 -19.22 9.51 -12.17
C SER B 40 -18.49 9.00 -10.94
N THR B 41 -18.40 9.89 -9.94
CA THR B 41 -17.75 9.54 -8.69
C THR B 41 -18.61 8.64 -7.80
N LEU B 42 -18.08 7.50 -7.34
CA LEU B 42 -18.82 6.59 -6.44
C LEU B 42 -18.55 6.97 -5.00
N ILE B 43 -17.29 7.21 -4.68
CA ILE B 43 -16.82 7.52 -3.35
C ILE B 43 -16.04 8.82 -3.42
N HIS B 44 -16.31 9.81 -2.55
CA HIS B 44 -15.50 10.98 -2.45
C HIS B 44 -14.61 10.95 -1.25
N GLN B 45 -13.39 11.43 -1.36
CA GLN B 45 -12.43 11.51 -0.25
C GLN B 45 -13.02 12.41 0.82
N GLY B 46 -13.06 11.90 2.03
CA GLY B 46 -13.49 12.68 3.19
C GLY B 46 -14.88 12.35 3.65
N GLU B 47 -15.69 11.68 2.84
CA GLU B 47 -17.04 11.24 3.26
C GLU B 47 -16.89 10.26 4.41
N LYS B 48 -17.90 10.21 5.28
CA LYS B 48 -17.91 9.20 6.32
C LYS B 48 -18.15 7.82 5.70
N ALA B 49 -17.35 6.85 6.12
CA ALA B 49 -17.46 5.51 5.57
C ALA B 49 -18.38 4.63 6.44
N GLU B 50 -19.44 4.13 5.83
CA GLU B 50 -20.40 3.24 6.53
C GLU B 50 -20.90 2.06 5.69
N THR B 51 -20.44 1.98 4.46
CA THR B 51 -20.89 0.96 3.55
CA THR B 51 -20.96 1.13 3.42
C THR B 51 -19.81 0.50 2.63
N LEU B 52 -19.97 -0.75 2.23
CA LEU B 52 -19.02 -1.51 1.44
C LEU B 52 -19.68 -1.64 0.06
N TYR B 53 -18.89 -1.62 -0.99
CA TYR B 53 -19.38 -1.86 -2.33
C TYR B 53 -18.70 -3.02 -2.99
N TYR B 54 -19.32 -3.65 -3.97
CA TYR B 54 -18.75 -4.76 -4.72
C TYR B 54 -19.10 -4.54 -6.19
N ILE B 55 -18.08 -4.58 -7.05
CA ILE B 55 -18.29 -4.29 -8.48
C ILE B 55 -18.88 -5.50 -9.16
N VAL B 56 -20.18 -5.39 -9.48
CA VAL B 56 -20.81 -6.45 -10.29
C VAL B 56 -20.45 -6.41 -11.78
N LYS B 57 -20.37 -5.19 -12.32
CA LYS B 57 -19.94 -4.97 -13.71
C LYS B 57 -19.27 -3.62 -13.76
N GLY B 58 -18.20 -3.55 -14.55
CA GLY B 58 -17.56 -2.28 -14.85
C GLY B 58 -16.17 -2.16 -14.25
N SER B 59 -15.57 -0.99 -14.42
CA SER B 59 -14.21 -0.72 -13.99
C SER B 59 -14.18 0.68 -13.41
N VAL B 60 -13.32 0.83 -12.41
CA VAL B 60 -13.22 2.09 -11.73
C VAL B 60 -11.75 2.43 -11.61
N ALA B 61 -11.50 3.67 -11.25
CA ALA B 61 -10.18 4.11 -10.82
C ALA B 61 -10.25 4.62 -9.42
N VAL B 62 -9.21 4.32 -8.66
CA VAL B 62 -9.01 4.88 -7.32
C VAL B 62 -7.96 5.97 -7.43
N LEU B 63 -8.25 7.18 -6.97
CA LEU B 63 -7.46 8.36 -7.31
C LEU B 63 -7.19 9.18 -6.06
N ILE B 64 -6.03 9.82 -6.02
CA ILE B 64 -5.74 10.89 -5.06
C ILE B 64 -5.32 12.14 -5.82
N LYS B 65 -5.33 13.29 -5.11
CA LYS B 65 -5.15 14.61 -5.75
C LYS B 65 -4.14 15.46 -5.00
N ASP B 66 -3.35 16.24 -5.74
CA ASP B 66 -2.48 17.19 -5.06
C ASP B 66 -3.15 18.55 -5.00
N GLU B 67 -2.37 19.55 -4.58
CA GLU B 67 -2.94 20.85 -4.21
C GLU B 67 -3.40 21.62 -5.44
N GLU B 68 -2.89 21.25 -6.60
CA GLU B 68 -3.22 21.92 -7.84
C GLU B 68 -4.26 21.14 -8.64
N GLY B 69 -4.89 20.15 -7.99
CA GLY B 69 -5.86 19.28 -8.63
C GLY B 69 -5.29 18.19 -9.56
N LYS B 70 -3.96 18.06 -9.63
CA LYS B 70 -3.33 16.95 -10.38
C LYS B 70 -3.80 15.64 -9.72
N GLU B 71 -4.14 14.67 -10.53
CA GLU B 71 -4.61 13.42 -9.98
C GLU B 71 -3.55 12.35 -10.15
N MET B 72 -3.56 11.40 -9.24
CA MET B 72 -2.75 10.23 -9.44
C MET B 72 -3.65 9.04 -9.23
N ILE B 73 -3.54 8.04 -10.13
CA ILE B 73 -4.30 6.79 -10.02
C ILE B 73 -3.54 5.80 -9.15
N LEU B 74 -4.16 5.39 -8.02
CA LEU B 74 -3.62 4.35 -7.16
C LEU B 74 -3.93 2.93 -7.60
N SER B 75 -5.03 2.74 -8.32
CA SER B 75 -5.47 1.36 -8.62
C SER B 75 -6.54 1.48 -9.69
N TYR B 76 -6.57 0.50 -10.58
CA TYR B 76 -7.78 0.22 -11.32
C TYR B 76 -8.39 -1.05 -10.80
N LEU B 77 -9.70 -1.01 -10.55
CA LEU B 77 -10.42 -2.16 -10.03
C LEU B 77 -11.56 -2.48 -10.95
N ASN B 78 -12.06 -3.70 -10.86
CA ASN B 78 -12.84 -4.31 -11.94
CA ASN B 78 -13.04 -4.11 -11.89
C ASN B 78 -13.92 -5.20 -11.34
N GLN B 79 -14.68 -5.87 -12.22
CA GLN B 79 -15.69 -6.78 -11.75
C GLN B 79 -15.09 -7.81 -10.75
N GLY B 80 -15.78 -7.99 -9.63
CA GLY B 80 -15.34 -8.92 -8.62
C GLY B 80 -14.57 -8.22 -7.49
N ASP B 81 -14.16 -6.97 -7.71
CA ASP B 81 -13.49 -6.23 -6.64
C ASP B 81 -14.41 -5.59 -5.66
N PHE B 82 -14.04 -5.65 -4.37
CA PHE B 82 -14.64 -4.84 -3.34
C PHE B 82 -14.06 -3.43 -3.38
N ILE B 83 -14.87 -2.43 -3.09
CA ILE B 83 -14.43 -1.07 -2.91
C ILE B 83 -15.07 -0.48 -1.67
N GLY B 84 -14.44 0.53 -1.08
CA GLY B 84 -14.92 1.10 0.11
C GLY B 84 -14.78 0.22 1.32
N GLU B 85 -13.81 -0.71 1.27
CA GLU B 85 -13.67 -1.76 2.28
C GLU B 85 -12.83 -1.26 3.46
N LEU B 86 -11.99 -0.25 3.24
CA LEU B 86 -10.99 0.02 4.32
C LEU B 86 -11.65 0.58 5.57
N GLY B 87 -12.82 1.21 5.41
CA GLY B 87 -13.50 1.74 6.60
C GLY B 87 -14.30 0.73 7.41
N LEU B 88 -14.30 -0.53 6.98
CA LEU B 88 -15.09 -1.58 7.67
C LEU B 88 -14.51 -1.84 9.06
N PHE B 89 -13.21 -1.55 9.21
CA PHE B 89 -12.50 -2.05 10.36
C PHE B 89 -12.44 -1.15 11.56
N GLU B 90 -12.70 0.12 11.34
CA GLU B 90 -12.72 1.05 12.45
C GLU B 90 -13.84 2.06 12.27
N GLU B 91 -14.62 2.21 13.33
CA GLU B 91 -15.81 3.05 13.27
C GLU B 91 -15.38 4.49 13.10
N GLY B 92 -16.15 5.20 12.30
CA GLY B 92 -15.97 6.65 12.14
C GLY B 92 -14.69 7.04 11.41
N GLN B 93 -14.47 6.45 10.24
CA GLN B 93 -13.35 6.89 9.42
C GLN B 93 -13.86 7.63 8.20
N GLU B 94 -13.01 8.47 7.64
CA GLU B 94 -13.23 9.09 6.35
C GLU B 94 -12.80 8.18 5.19
N ARG B 95 -13.43 8.33 4.03
CA ARG B 95 -12.94 7.70 2.82
C ARG B 95 -11.57 8.31 2.47
N SER B 96 -10.58 7.46 2.14
CA SER B 96 -9.21 7.93 1.96
C SER B 96 -8.86 8.35 0.53
N ALA B 97 -9.76 8.07 -0.40
CA ALA B 97 -9.46 8.28 -1.82
C ALA B 97 -10.77 8.51 -2.54
N TRP B 98 -10.68 9.02 -3.74
CA TRP B 98 -11.82 9.03 -4.63
C TRP B 98 -11.92 7.76 -5.39
N VAL B 99 -13.11 7.33 -5.75
CA VAL B 99 -13.32 6.20 -6.62
C VAL B 99 -14.25 6.62 -7.72
N ARG B 100 -13.74 6.64 -8.95
CA ARG B 100 -14.49 7.17 -10.08
C ARG B 100 -14.72 6.09 -11.13
N ALA B 101 -15.91 6.02 -11.69
CA ALA B 101 -16.23 5.01 -12.68
C ALA B 101 -15.51 5.32 -14.03
N LYS B 102 -14.81 4.31 -14.55
CA LYS B 102 -14.12 4.42 -15.86
C LYS B 102 -15.14 4.10 -16.93
N THR B 103 -15.65 2.88 -16.95
CA THR B 103 -16.87 2.55 -17.64
C THR B 103 -18.07 2.72 -16.72
N ALA B 104 -19.29 2.71 -17.26
CA ALA B 104 -20.47 2.59 -16.40
C ALA B 104 -20.38 1.37 -15.51
N CYS B 105 -20.85 1.49 -14.28
CA CYS B 105 -20.68 0.40 -13.34
C CYS B 105 -22.05 -0.02 -12.76
N GLU B 106 -22.14 -1.31 -12.44
CA GLU B 106 -23.20 -1.83 -11.59
C GLU B 106 -22.52 -2.29 -10.30
N VAL B 107 -22.96 -1.73 -9.20
CA VAL B 107 -22.26 -1.93 -7.94
C VAL B 107 -23.28 -2.39 -6.91
N ALA B 108 -22.92 -3.44 -6.16
CA ALA B 108 -23.69 -3.87 -5.00
C ALA B 108 -23.18 -3.19 -3.73
N GLU B 109 -24.11 -2.72 -2.92
CA GLU B 109 -23.86 -1.94 -1.72
C GLU B 109 -24.45 -2.62 -0.50
N ILE B 110 -23.71 -2.66 0.59
CA ILE B 110 -24.18 -3.27 1.84
C ILE B 110 -23.62 -2.50 3.01
N SER B 111 -24.36 -2.35 4.10
CA SER B 111 -23.82 -1.66 5.28
C SER B 111 -22.71 -2.48 5.92
N TYR B 112 -21.78 -1.76 6.55
CA TYR B 112 -20.73 -2.45 7.35
C TYR B 112 -21.36 -3.36 8.40
N LYS B 113 -22.44 -2.89 9.04
CA LYS B 113 -23.20 -3.72 9.99
C LYS B 113 -23.67 -5.06 9.46
N LYS B 114 -24.35 -5.08 8.32
CA LYS B 114 -24.82 -6.29 7.74
C LYS B 114 -23.64 -7.16 7.27
N PHE B 115 -22.60 -6.52 6.75
CA PHE B 115 -21.50 -7.32 6.27
C PHE B 115 -20.84 -8.09 7.45
N ARG B 116 -20.68 -7.41 8.57
CA ARG B 116 -20.10 -8.10 9.76
C ARG B 116 -20.98 -9.30 10.21
N GLN B 117 -22.31 -9.20 10.04
CA GLN B 117 -23.14 -10.40 10.28
C GLN B 117 -22.90 -11.52 9.29
N LEU B 118 -22.65 -11.19 8.03
CA LEU B 118 -22.34 -12.24 7.07
C LEU B 118 -21.02 -12.93 7.36
N ILE B 119 -20.02 -12.16 7.81
CA ILE B 119 -18.72 -12.75 8.17
C ILE B 119 -18.86 -13.89 9.20
N GLN B 120 -19.78 -13.73 10.13
CA GLN B 120 -20.01 -14.80 11.14
C GLN B 120 -20.54 -16.05 10.48
N VAL B 121 -21.43 -15.89 9.51
CA VAL B 121 -21.94 -17.01 8.76
C VAL B 121 -20.91 -17.77 7.94
N ASN B 122 -20.09 -17.00 7.20
CA ASN B 122 -19.10 -17.59 6.37
C ASN B 122 -17.97 -16.55 6.22
N PRO B 123 -16.88 -16.79 6.93
CA PRO B 123 -15.77 -15.83 6.87
C PRO B 123 -14.99 -15.87 5.57
N ASP B 124 -15.24 -16.84 4.70
CA ASP B 124 -14.67 -16.75 3.34
C ASP B 124 -15.00 -15.43 2.69
N ILE B 125 -16.12 -14.78 3.00
CA ILE B 125 -16.39 -13.47 2.40
C ILE B 125 -15.40 -12.38 2.85
N LEU B 126 -14.92 -12.48 4.10
CA LEU B 126 -13.86 -11.60 4.56
C LEU B 126 -12.49 -12.08 4.02
N MET B 127 -12.26 -13.38 3.85
CA MET B 127 -11.05 -13.85 3.21
C MET B 127 -10.91 -13.24 1.83
N ARG B 128 -12.00 -13.24 1.04
CA ARG B 128 -11.96 -12.70 -0.34
C ARG B 128 -11.67 -11.20 -0.31
N LEU B 129 -12.30 -10.46 0.59
CA LEU B 129 -12.08 -9.01 0.68
C LEU B 129 -10.60 -8.75 1.15
N SER B 130 -10.12 -9.53 2.13
CA SER B 130 -8.76 -9.35 2.61
C SER B 130 -7.68 -9.78 1.63
N ALA B 131 -7.97 -10.76 0.74
CA ALA B 131 -7.04 -11.13 -0.30
C ALA B 131 -6.85 -9.97 -1.25
N GLN B 132 -7.95 -9.26 -1.51
CA GLN B 132 -7.84 -8.07 -2.37
C GLN B 132 -7.07 -6.94 -1.70
N MET B 133 -7.31 -6.69 -0.42
CA MET B 133 -6.50 -5.70 0.33
C MET B 133 -5.04 -6.06 0.29
N ALA B 134 -4.71 -7.35 0.41
CA ALA B 134 -3.31 -7.78 0.41
C ALA B 134 -2.68 -7.53 -0.91
N ARG B 135 -3.39 -7.79 -2.00
CA ARG B 135 -2.83 -7.53 -3.30
C ARG B 135 -2.63 -6.02 -3.49
N ARG B 136 -3.63 -5.23 -3.11
CA ARG B 136 -3.53 -3.80 -3.30
C ARG B 136 -2.35 -3.27 -2.48
N LEU B 137 -2.07 -3.81 -1.30
CA LEU B 137 -0.93 -3.28 -0.53
C LEU B 137 0.37 -3.62 -1.22
N GLN B 138 0.48 -4.79 -1.86
CA GLN B 138 1.67 -5.09 -2.64
C GLN B 138 1.84 -4.20 -3.86
N VAL B 139 0.76 -3.91 -4.56
CA VAL B 139 0.82 -3.03 -5.76
C VAL B 139 1.24 -1.62 -5.30
N THR B 140 0.64 -1.13 -4.20
CA THR B 140 0.90 0.22 -3.76
C THR B 140 2.32 0.35 -3.18
N SER B 141 2.83 -0.73 -2.55
CA SER B 141 4.19 -0.71 -2.06
C SER B 141 5.16 -0.66 -3.22
N GLU B 142 4.86 -1.38 -4.30
CA GLU B 142 5.76 -1.35 -5.51
C GLU B 142 5.76 0.08 -6.04
N LYS B 143 4.62 0.76 -5.97
CA LYS B 143 4.53 2.12 -6.45
C LYS B 143 5.40 3.05 -5.63
N VAL B 144 5.46 2.84 -4.33
CA VAL B 144 6.37 3.61 -3.45
C VAL B 144 7.82 3.45 -3.92
N GLY B 145 8.25 2.20 -4.16
CA GLY B 145 9.59 1.97 -4.68
C GLY B 145 9.81 2.68 -6.01
N ASN B 146 8.89 2.53 -6.94
CA ASN B 146 9.09 3.14 -8.26
C ASN B 146 9.26 4.64 -8.11
N LEU B 147 8.40 5.28 -7.31
CA LEU B 147 8.51 6.73 -7.16
C LEU B 147 9.80 7.14 -6.46
N ALA B 148 10.27 6.33 -5.50
CA ALA B 148 11.51 6.65 -4.79
C ALA B 148 12.74 6.41 -5.65
N PHE B 149 12.71 5.35 -6.49
CA PHE B 149 13.98 4.88 -7.07
C PHE B 149 14.11 5.23 -8.56
N LEU B 150 13.01 5.50 -9.23
CA LEU B 150 13.07 5.65 -10.71
C LEU B 150 12.76 7.06 -11.11
N ASP B 151 13.36 7.47 -12.26
CA ASP B 151 12.97 8.70 -12.88
C ASP B 151 11.74 8.51 -13.77
N VAL B 152 11.27 9.58 -14.38
CA VAL B 152 9.96 9.56 -15.04
C VAL B 152 10.04 8.55 -16.20
N THR B 153 11.11 8.53 -16.99
CA THR B 153 11.25 7.51 -18.05
C THR B 153 11.19 6.09 -17.51
N GLY B 154 11.87 5.87 -16.39
CA GLY B 154 11.85 4.55 -15.80
C GLY B 154 10.47 4.19 -15.27
N ARG B 155 9.80 5.15 -14.67
CA ARG B 155 8.42 4.87 -14.23
C ARG B 155 7.46 4.55 -15.40
N ILE B 156 7.54 5.29 -16.52
CA ILE B 156 6.76 4.97 -17.67
C ILE B 156 7.10 3.57 -18.15
N ALA B 157 8.38 3.25 -18.28
CA ALA B 157 8.79 1.94 -18.73
C ALA B 157 8.24 0.83 -17.81
N GLN B 158 8.24 1.04 -16.50
CA GLN B 158 7.73 0.02 -15.61
C GLN B 158 6.21 -0.08 -15.69
N THR B 159 5.54 1.01 -15.99
CA THR B 159 4.09 0.99 -16.16
C THR B 159 3.76 0.15 -17.37
N LEU B 160 4.53 0.32 -18.46
CA LEU B 160 4.28 -0.47 -19.67
C LEU B 160 4.54 -1.94 -19.38
N LEU B 161 5.60 -2.26 -18.67
CA LEU B 161 5.93 -3.67 -18.28
C LEU B 161 4.83 -4.24 -17.45
N ASN B 162 4.27 -3.46 -16.52
CA ASN B 162 3.21 -3.96 -15.63
C ASN B 162 1.93 -4.23 -16.42
N LEU B 163 1.60 -3.35 -17.36
CA LEU B 163 0.40 -3.56 -18.19
C LEU B 163 0.59 -4.78 -19.11
N ALA B 164 1.80 -5.03 -19.58
CA ALA B 164 2.07 -6.19 -20.51
C ALA B 164 1.96 -7.56 -19.79
N LYS B 165 2.01 -7.51 -18.46
CA LYS B 165 1.99 -8.74 -17.64
C LYS B 165 0.59 -9.10 -17.23
N GLN B 166 -0.34 -8.18 -17.43
CA GLN B 166 -1.71 -8.35 -16.98
C GLN B 166 -2.48 -9.37 -17.82
N PRO B 167 -3.49 -10.01 -17.21
CA PRO B 167 -4.36 -10.98 -17.92
C PRO B 167 -4.92 -10.43 -19.25
N ASP B 168 -5.32 -9.17 -19.25
CA ASP B 168 -6.01 -8.56 -20.38
C ASP B 168 -5.10 -8.07 -21.53
N ALA B 169 -3.80 -8.33 -21.45
CA ALA B 169 -2.88 -7.97 -22.53
C ALA B 169 -2.89 -9.06 -23.61
N MET B 170 -2.64 -8.66 -24.85
CA MET B 170 -2.86 -9.55 -26.04
C MET B 170 -1.54 -9.92 -26.69
N THR B 171 -1.37 -11.21 -27.00
CA THR B 171 -0.14 -11.64 -27.62
C THR B 171 0.00 -11.09 -29.01
N HIS B 172 1.21 -10.64 -29.35
CA HIS B 172 1.43 -9.96 -30.60
C HIS B 172 2.77 -10.48 -31.07
N PRO B 173 3.03 -10.43 -32.40
CA PRO B 173 4.24 -11.14 -32.79
C PRO B 173 5.53 -10.47 -32.28
N ASP B 174 5.44 -9.21 -31.86
CA ASP B 174 6.61 -8.45 -31.42
C ASP B 174 6.69 -8.38 -29.89
N GLY B 175 5.60 -8.75 -29.22
CA GLY B 175 5.62 -8.79 -27.76
C GLY B 175 4.20 -8.84 -27.27
N MET B 176 3.87 -8.03 -26.27
CA MET B 176 2.53 -7.95 -25.77
C MET B 176 1.89 -6.65 -26.10
N GLN B 177 0.61 -6.67 -26.45
CA GLN B 177 -0.04 -5.50 -26.92
C GLN B 177 -0.92 -5.06 -25.77
N ILE B 178 -0.88 -3.78 -25.42
CA ILE B 178 -1.71 -3.23 -24.36
C ILE B 178 -2.58 -2.07 -24.85
N LYS B 179 -3.59 -1.70 -24.09
CA LYS B 179 -4.44 -0.59 -24.46
C LYS B 179 -4.45 0.37 -23.27
N ILE B 180 -3.89 1.55 -23.50
CA ILE B 180 -3.74 2.55 -22.44
C ILE B 180 -3.48 3.88 -23.14
N THR B 181 -4.10 4.94 -22.67
CA THR B 181 -3.90 6.25 -23.27
CA THR B 181 -3.89 6.25 -23.26
C THR B 181 -2.70 6.98 -22.63
N ARG B 182 -2.21 8.02 -23.31
CA ARG B 182 -1.14 8.79 -22.73
C ARG B 182 -1.61 9.51 -21.45
N GLN B 183 -2.83 10.04 -21.41
CA GLN B 183 -3.36 10.65 -20.21
C GLN B 183 -3.39 9.64 -19.02
N GLU B 184 -3.80 8.40 -19.31
CA GLU B 184 -3.80 7.33 -18.30
C GLU B 184 -2.42 7.06 -17.75
N ILE B 185 -1.43 6.92 -18.66
CA ILE B 185 -0.10 6.69 -18.15
C ILE B 185 0.31 7.88 -17.26
N GLY B 186 0.03 9.12 -17.72
CA GLY B 186 0.45 10.27 -16.95
C GLY B 186 -0.19 10.33 -15.54
N GLN B 187 -1.42 9.90 -15.47
CA GLN B 187 -2.06 9.88 -14.15
C GLN B 187 -1.50 8.77 -13.30
N ILE B 188 -1.00 7.70 -13.91
CA ILE B 188 -0.30 6.66 -13.12
C ILE B 188 1.10 7.09 -12.64
N VAL B 189 1.90 7.67 -13.51
CA VAL B 189 3.30 7.87 -13.14
C VAL B 189 3.57 9.23 -12.48
N GLY B 190 2.68 10.17 -12.74
CA GLY B 190 2.82 11.53 -12.18
C GLY B 190 3.48 12.50 -13.12
N CYS B 191 2.95 12.56 -14.34
CA CYS B 191 3.46 13.50 -15.29
C CYS B 191 2.37 13.86 -16.28
N SER B 192 2.61 14.92 -17.05
CA SER B 192 1.63 15.34 -18.02
C SER B 192 1.47 14.40 -19.22
N ARG B 193 0.30 14.41 -19.90
CA ARG B 193 0.11 13.60 -21.04
C ARG B 193 1.14 13.95 -22.17
N GLU B 194 1.59 15.20 -22.17
CA GLU B 194 2.54 15.64 -23.22
C GLU B 194 3.92 15.03 -22.92
N THR B 195 4.29 14.99 -21.64
CA THR B 195 5.51 14.30 -21.23
C THR B 195 5.46 12.82 -21.58
N VAL B 196 4.32 12.16 -21.34
CA VAL B 196 4.20 10.81 -21.79
C VAL B 196 4.39 10.58 -23.29
N GLY B 197 3.77 11.47 -24.05
CA GLY B 197 3.87 11.31 -25.50
C GLY B 197 5.33 11.50 -25.99
N ARG B 198 6.07 12.38 -25.33
CA ARG B 198 7.48 12.59 -25.76
C ARG B 198 8.29 11.35 -25.41
N ILE B 199 8.04 10.76 -24.22
CA ILE B 199 8.86 9.68 -23.76
C ILE B 199 8.50 8.37 -24.52
N LEU B 200 7.22 8.19 -24.90
CA LEU B 200 6.89 6.99 -25.71
C LEU B 200 7.58 7.04 -27.08
N LYS B 201 7.67 8.26 -27.61
CA LYS B 201 8.34 8.37 -28.91
C LYS B 201 9.80 8.03 -28.79
N MET B 202 10.43 8.49 -27.72
CA MET B 202 11.80 8.08 -27.39
C MET B 202 12.00 6.58 -27.20
N LEU B 203 11.04 5.91 -26.55
CA LEU B 203 11.23 4.48 -26.27
C LEU B 203 11.10 3.65 -27.55
N GLU B 204 10.20 4.11 -28.41
CA GLU B 204 9.99 3.57 -29.76
C GLU B 204 11.33 3.65 -30.51
N ASP B 205 12.02 4.79 -30.35
CA ASP B 205 13.28 5.01 -31.08
C ASP B 205 14.42 4.14 -30.58
N GLN B 206 14.34 3.70 -29.33
CA GLN B 206 15.29 2.80 -28.76
C GLN B 206 14.97 1.34 -29.08
N ASN B 207 13.93 1.18 -29.88
CA ASN B 207 13.43 -0.12 -30.29
C ASN B 207 12.90 -0.99 -29.16
N LEU B 208 12.20 -0.35 -28.22
CA LEU B 208 11.69 -1.06 -27.07
C LEU B 208 10.18 -1.29 -27.15
N ILE B 209 9.49 -0.40 -27.83
CA ILE B 209 8.03 -0.43 -27.96
C ILE B 209 7.62 0.01 -29.36
N SER B 210 6.42 -0.35 -29.76
CA SER B 210 5.69 0.35 -30.81
C SER B 210 4.50 1.10 -30.24
N ALA B 211 4.35 2.36 -30.61
CA ALA B 211 3.05 3.01 -30.61
C ALA B 211 2.11 2.39 -31.64
N HIS B 212 1.53 3.22 -32.51
CA HIS B 212 0.43 2.78 -33.37
C HIS B 212 -0.92 3.21 -32.85
N GLY B 213 -1.88 2.29 -32.86
CA GLY B 213 -3.29 2.63 -32.61
C GLY B 213 -3.57 3.38 -31.31
N LYS B 214 -4.67 3.01 -30.65
CA LYS B 214 -4.87 3.36 -29.24
C LYS B 214 -3.96 2.53 -28.35
N THR B 215 -2.89 2.04 -28.97
CA THR B 215 -2.38 0.67 -28.74
C THR B 215 -0.85 0.68 -28.70
N ILE B 216 -0.27 0.04 -27.70
CA ILE B 216 1.17 -0.01 -27.58
C ILE B 216 1.62 -1.46 -27.58
N VAL B 217 2.67 -1.80 -28.32
CA VAL B 217 3.26 -3.12 -28.20
C VAL B 217 4.56 -3.01 -27.41
N VAL B 218 4.60 -3.70 -26.29
CA VAL B 218 5.81 -3.78 -25.49
C VAL B 218 6.68 -4.93 -25.92
N TYR B 219 7.81 -4.61 -26.55
CA TYR B 219 8.61 -5.68 -27.15
C TYR B 219 9.19 -6.62 -26.12
N GLY B 220 9.25 -7.90 -26.47
CA GLY B 220 9.92 -8.90 -25.65
C GLY B 220 9.14 -9.12 -24.36
N THR B 221 7.86 -8.72 -24.39
CA THR B 221 6.99 -8.74 -23.21
C THR B 221 6.46 -10.17 -23.08
#